data_1KYJ
#
_entry.id   1KYJ
#
loop_
_entity.id
_entity.type
_entity.pdbx_description
1 polymer 'Leukosialin (CD43) fragment'
2 non-polymer 2-acetamido-2-deoxy-alpha-D-galactopyranose
#
_entity_poly.entity_id   1
_entity_poly.type   'polypeptide(L)'
_entity_poly.pdbx_seq_one_letter_code
;(ACE)STTAV
;
_entity_poly.pdbx_strand_id   A
#
# COMPACT_ATOMS: atom_id res chain seq x y z
N SER A 2 -9.05 6.78 27.15
CA SER A 2 -7.59 6.65 27.22
C SER A 2 -6.91 7.74 26.40
N THR A 3 -5.58 7.77 26.48
CA THR A 3 -4.78 8.75 25.75
C THR A 3 -4.27 8.18 24.43
N THR A 4 -3.33 8.89 23.80
CA THR A 4 -2.74 8.49 22.54
C THR A 4 -1.35 7.90 22.76
N ALA A 5 -0.97 6.96 21.91
CA ALA A 5 0.33 6.33 22.02
C ALA A 5 1.39 7.17 21.31
N VAL A 6 2.35 6.50 20.66
CA VAL A 6 3.43 7.17 19.95
C VAL A 6 3.88 6.37 18.74
N SER A 2 -17.41 -23.76 8.39
CA SER A 2 -17.75 -22.37 8.08
C SER A 2 -16.62 -21.42 8.50
N THR A 3 -16.59 -20.26 7.85
CA THR A 3 -15.59 -19.23 8.13
C THR A 3 -16.15 -18.19 9.09
N THR A 4 -15.45 -17.07 9.22
CA THR A 4 -15.88 -15.98 10.09
C THR A 4 -16.44 -14.82 9.27
N ALA A 5 -16.93 -13.79 9.97
CA ALA A 5 -17.49 -12.63 9.30
C ALA A 5 -17.41 -11.39 10.19
N VAL A 6 -16.65 -10.39 9.74
CA VAL A 6 -16.47 -9.14 10.47
C VAL A 6 -16.28 -7.96 9.54
N SER A 2 -5.26 -23.32 -25.13
CA SER A 2 -6.18 -23.75 -24.08
C SER A 2 -7.17 -22.63 -23.73
N THR A 3 -8.27 -23.01 -23.09
CA THR A 3 -9.29 -22.05 -22.68
C THR A 3 -9.10 -21.61 -21.23
N THR A 4 -10.08 -20.88 -20.70
CA THR A 4 -10.04 -20.39 -19.34
C THR A 4 -10.97 -21.19 -18.43
N ALA A 5 -10.50 -21.44 -17.21
CA ALA A 5 -11.29 -22.18 -16.24
C ALA A 5 -12.21 -21.25 -15.48
N VAL A 6 -13.45 -21.20 -15.92
CA VAL A 6 -14.47 -20.37 -15.29
C VAL A 6 -15.25 -21.13 -14.21
N SER A 2 -10.58 34.23 0.58
CA SER A 2 -9.74 34.63 -0.55
C SER A 2 -8.90 33.45 -1.07
N THR A 3 -7.85 33.76 -1.84
CA THR A 3 -6.98 32.73 -2.41
C THR A 3 -5.76 32.48 -1.52
N THR A 4 -4.81 31.72 -2.06
CA THR A 4 -3.58 31.37 -1.35
C THR A 4 -2.42 32.19 -1.87
N ALA A 5 -1.45 32.45 -1.00
CA ALA A 5 -0.28 33.22 -1.39
C ALA A 5 0.78 32.32 -2.02
N VAL A 6 2.05 32.62 -1.75
CA VAL A 6 3.16 31.85 -2.30
C VAL A 6 4.35 31.81 -1.34
N SER A 2 -0.69 42.59 5.17
CA SER A 2 -1.75 41.71 5.67
C SER A 2 -2.62 42.43 6.69
N THR A 3 -3.87 42.02 6.78
CA THR A 3 -4.81 42.61 7.72
C THR A 3 -4.95 41.75 8.99
N THR A 4 -5.98 42.04 9.78
CA THR A 4 -6.25 41.32 11.02
C THR A 4 -7.38 40.32 10.85
N ALA A 5 -7.70 39.59 11.91
CA ALA A 5 -8.76 38.61 11.88
C ALA A 5 -9.34 38.38 13.28
N VAL A 6 -10.61 38.74 13.45
CA VAL A 6 -11.30 38.58 14.72
C VAL A 6 -12.79 38.29 14.53
N SER A 2 30.09 -35.30 -42.63
CA SER A 2 29.99 -35.88 -41.29
C SER A 2 31.31 -35.79 -40.54
N THR A 3 31.32 -36.30 -39.31
CA THR A 3 32.52 -36.29 -38.48
C THR A 3 33.28 -37.62 -38.61
N THR A 4 34.21 -37.86 -37.68
CA THR A 4 35.01 -39.07 -37.67
C THR A 4 34.48 -40.06 -36.63
N ALA A 5 34.51 -41.34 -36.97
CA ALA A 5 34.02 -42.35 -36.07
C ALA A 5 35.13 -42.78 -35.10
N VAL A 6 35.16 -44.06 -34.75
CA VAL A 6 36.17 -44.59 -33.82
C VAL A 6 37.41 -45.10 -34.57
N SER A 2 18.20 -20.63 -22.46
CA SER A 2 17.33 -20.07 -23.49
C SER A 2 17.84 -18.73 -24.00
N THR A 3 17.56 -18.45 -25.27
CA THR A 3 17.95 -17.19 -25.89
C THR A 3 16.78 -16.19 -25.89
N THR A 4 16.89 -15.15 -26.71
CA THR A 4 15.86 -14.12 -26.81
C THR A 4 14.98 -14.35 -28.03
N ALA A 5 13.68 -14.14 -27.85
CA ALA A 5 12.73 -14.31 -28.92
C ALA A 5 12.61 -13.05 -29.77
N VAL A 6 13.29 -13.08 -30.90
CA VAL A 6 13.29 -11.97 -31.85
C VAL A 6 12.17 -12.13 -32.88
N SER A 2 -25.52 -25.22 -4.94
CA SER A 2 -24.59 -25.63 -3.90
C SER A 2 -23.43 -24.63 -3.76
N THR A 3 -22.78 -24.65 -2.60
CA THR A 3 -21.64 -23.78 -2.36
C THR A 3 -20.32 -24.50 -2.64
N THR A 4 -19.23 -23.89 -2.20
CA THR A 4 -17.89 -24.45 -2.38
C THR A 4 -17.42 -25.10 -1.09
N ALA A 5 -16.25 -25.72 -1.13
CA ALA A 5 -15.68 -26.37 0.05
C ALA A 5 -14.16 -26.45 -0.05
N VAL A 6 -13.48 -25.80 0.90
CA VAL A 6 -12.03 -25.79 0.93
C VAL A 6 -11.48 -26.94 1.79
N SER A 2 -15.08 -29.84 10.81
CA SER A 2 -14.75 -29.14 9.57
C SER A 2 -13.46 -29.68 8.96
N THR A 3 -13.38 -29.61 7.63
CA THR A 3 -12.22 -30.09 6.91
C THR A 3 -11.25 -28.94 6.61
N THR A 4 -10.28 -29.21 5.73
CA THR A 4 -9.29 -28.24 5.33
C THR A 4 -9.62 -27.67 3.96
N ALA A 5 -9.19 -26.45 3.69
CA ALA A 5 -9.44 -25.84 2.40
C ALA A 5 -8.41 -24.76 2.08
N VAL A 6 -7.66 -24.96 1.01
CA VAL A 6 -6.62 -24.01 0.60
C VAL A 6 -6.45 -23.99 -0.93
N SER A 2 27.27 -6.07 -38.40
CA SER A 2 26.28 -5.95 -37.32
C SER A 2 25.14 -6.95 -37.50
N THR A 3 24.48 -7.26 -36.39
CA THR A 3 23.36 -8.19 -36.42
C THR A 3 22.04 -7.41 -36.49
N THR A 4 20.93 -8.13 -36.35
CA THR A 4 19.62 -7.52 -36.40
C THR A 4 19.00 -7.46 -35.00
N ALA A 5 17.94 -6.67 -34.86
CA ALA A 5 17.28 -6.54 -33.58
C ALA A 5 15.83 -6.11 -33.74
N VAL A 6 14.93 -6.94 -33.22
CA VAL A 6 13.50 -6.66 -33.29
C VAL A 6 12.75 -7.20 -32.09
N SER A 2 -27.42 29.51 21.91
CA SER A 2 -26.24 30.17 21.35
C SER A 2 -26.42 30.40 19.85
N THR A 3 -25.87 31.50 19.35
CA THR A 3 -25.96 31.83 17.93
C THR A 3 -24.70 31.36 17.20
N THR A 4 -24.47 31.89 16.00
CA THR A 4 -23.31 31.51 15.18
C THR A 4 -22.23 32.57 15.26
N ALA A 5 -21.08 32.27 14.68
CA ALA A 5 -19.96 33.20 14.67
C ALA A 5 -19.06 32.96 13.45
N VAL A 6 -17.77 33.20 13.60
CA VAL A 6 -16.81 32.99 12.51
C VAL A 6 -16.21 31.59 12.56
N SER A 2 2.11 23.66 9.48
CA SER A 2 3.12 24.70 9.62
C SER A 2 2.53 26.11 9.49
N THR A 3 3.38 27.13 9.64
CA THR A 3 2.93 28.52 9.54
C THR A 3 3.14 29.08 8.14
N THR A 4 2.74 30.33 7.97
CA THR A 4 2.89 31.02 6.71
C THR A 4 3.99 32.07 6.79
N ALA A 5 4.16 32.83 5.70
CA ALA A 5 5.18 33.87 5.66
C ALA A 5 4.83 34.94 4.64
N VAL A 6 4.65 36.17 5.12
CA VAL A 6 4.32 37.30 4.25
C VAL A 6 5.58 38.02 3.75
N SER A 2 0.66 -9.58 11.33
CA SER A 2 0.05 -8.67 12.30
C SER A 2 1.07 -7.71 12.88
N THR A 3 0.61 -6.83 13.78
CA THR A 3 1.48 -5.84 14.42
C THR A 3 1.97 -6.33 15.78
N THR A 4 2.62 -5.42 16.51
CA THR A 4 3.14 -5.73 17.84
C THR A 4 2.27 -5.14 18.93
N ALA A 5 2.63 -5.43 20.18
CA ALA A 5 1.92 -4.91 21.33
C ALA A 5 2.84 -4.88 22.55
N VAL A 6 3.13 -3.67 23.03
CA VAL A 6 4.00 -3.49 24.18
C VAL A 6 3.61 -2.27 25.01
N SER A 2 -47.92 11.16 70.98
CA SER A 2 -46.82 10.26 71.32
C SER A 2 -45.49 10.83 70.82
N THR A 3 -44.39 10.33 71.38
CA THR A 3 -43.06 10.79 70.98
C THR A 3 -42.46 9.85 69.92
N THR A 4 -41.15 9.98 69.67
CA THR A 4 -40.48 9.16 68.68
C THR A 4 -39.74 8.01 69.34
N ALA A 5 -39.73 6.85 68.70
CA ALA A 5 -39.06 5.69 69.23
C ALA A 5 -37.57 5.71 68.86
N VAL A 6 -37.02 4.54 68.57
CA VAL A 6 -35.61 4.42 68.20
C VAL A 6 -35.39 3.28 67.20
N SER A 2 27.05 12.17 -27.35
CA SER A 2 28.14 11.39 -27.95
C SER A 2 29.17 12.31 -28.59
N THR A 3 30.42 11.86 -28.65
CA THR A 3 31.50 12.65 -29.25
C THR A 3 31.72 12.25 -30.71
N THR A 4 32.83 12.73 -31.29
CA THR A 4 33.17 12.43 -32.66
C THR A 4 34.24 11.35 -32.73
N ALA A 5 34.16 10.51 -33.76
CA ALA A 5 35.12 9.44 -33.93
C ALA A 5 36.37 9.95 -34.66
N VAL A 6 36.93 9.11 -35.54
CA VAL A 6 38.12 9.47 -36.30
C VAL A 6 38.12 8.80 -37.68
N SER A 2 -3.11 0.26 -3.70
CA SER A 2 -3.83 0.01 -2.45
C SER A 2 -3.53 1.08 -1.41
N THR A 3 -4.43 1.22 -0.43
CA THR A 3 -4.27 2.21 0.62
C THR A 3 -3.61 1.58 1.85
N THR A 4 -3.69 2.26 3.00
CA THR A 4 -3.09 1.75 4.23
C THR A 4 -4.12 1.10 5.13
N ALA A 5 -3.65 0.50 6.22
CA ALA A 5 -4.53 -0.15 7.17
C ALA A 5 -3.91 -0.14 8.57
N VAL A 6 -4.21 -1.17 9.36
CA VAL A 6 -3.69 -1.28 10.72
C VAL A 6 -2.40 -2.07 10.77
N SER A 2 0.29 -4.95 -1.76
CA SER A 2 0.65 -3.62 -1.24
C SER A 2 -0.21 -3.25 -0.03
N THR A 3 0.28 -2.30 0.76
CA THR A 3 -0.46 -1.84 1.94
C THR A 3 -1.26 -0.57 1.62
N THR A 4 -1.73 0.10 2.67
CA THR A 4 -2.50 1.32 2.52
C THR A 4 -1.62 2.54 2.77
N ALA A 5 -1.87 3.60 2.01
CA ALA A 5 -1.10 4.83 2.14
C ALA A 5 -1.67 5.71 3.26
N VAL A 6 -1.66 7.02 3.04
CA VAL A 6 -2.18 7.97 4.02
C VAL A 6 -2.77 9.20 3.35
N SER A 2 -30.87 -46.62 1.49
CA SER A 2 -31.42 -45.35 1.96
C SER A 2 -30.68 -44.85 3.20
N THR A 3 -31.01 -43.64 3.64
CA THR A 3 -30.37 -43.05 4.81
C THR A 3 -31.22 -43.25 6.07
N THR A 4 -30.85 -42.58 7.15
CA THR A 4 -31.53 -42.67 8.43
C THR A 4 -32.45 -41.47 8.63
N ALA A 5 -33.59 -41.70 9.27
CA ALA A 5 -34.53 -40.64 9.53
C ALA A 5 -34.17 -39.88 10.82
N VAL A 6 -35.19 -39.47 11.56
CA VAL A 6 -34.98 -38.74 12.82
C VAL A 6 -36.08 -39.07 13.83
N SER A 2 25.22 -6.75 -23.76
CA SER A 2 25.89 -6.11 -22.63
C SER A 2 25.94 -7.05 -21.42
N THR A 3 26.77 -6.70 -20.44
CA THR A 3 26.91 -7.51 -19.23
C THR A 3 26.04 -6.99 -18.10
N THR A 4 26.23 -7.58 -16.93
CA THR A 4 25.48 -7.24 -15.73
C THR A 4 26.34 -6.39 -14.78
N ALA A 5 25.75 -5.99 -13.67
CA ALA A 5 26.45 -5.20 -12.67
C ALA A 5 25.82 -5.40 -11.28
N VAL A 6 25.83 -4.35 -10.47
CA VAL A 6 25.26 -4.40 -9.13
C VAL A 6 24.67 -3.06 -8.71
N SER A 2 4.86 29.68 -1.00
CA SER A 2 4.81 31.13 -1.03
C SER A 2 3.44 31.65 -1.44
N THR A 3 3.27 32.96 -1.34
CA THR A 3 2.00 33.62 -1.70
C THR A 3 2.05 34.16 -3.13
N THR A 4 1.07 34.99 -3.47
CA THR A 4 1.00 35.59 -4.80
C THR A 4 1.48 37.03 -4.75
N ALA A 5 1.49 37.68 -5.92
CA ALA A 5 1.92 39.07 -6.02
C ALA A 5 1.28 39.77 -7.22
N VAL A 6 0.43 40.76 -6.93
CA VAL A 6 -0.26 41.51 -7.98
C VAL A 6 0.56 42.74 -8.40
N SER A 2 -9.74 -22.26 19.65
CA SER A 2 -8.50 -21.51 19.54
C SER A 2 -8.49 -20.31 20.50
N THR A 3 -7.45 -19.48 20.39
CA THR A 3 -7.34 -18.29 21.23
C THR A 3 -7.87 -17.07 20.48
N THR A 4 -7.67 -15.90 21.08
CA THR A 4 -8.13 -14.65 20.51
C THR A 4 -6.99 -13.83 19.91
N ALA A 5 -7.33 -12.73 19.25
CA ALA A 5 -6.34 -11.85 18.65
C ALA A 5 -6.88 -10.42 18.51
N VAL A 6 -6.27 -9.50 19.24
CA VAL A 6 -6.69 -8.09 19.20
C VAL A 6 -5.90 -7.30 18.15
N SER A 2 5.63 26.41 29.54
CA SER A 2 5.24 25.73 28.31
C SER A 2 6.35 24.81 27.80
N THR A 3 6.18 24.29 26.59
CA THR A 3 7.16 23.40 25.99
C THR A 3 8.13 24.17 25.08
N THR A 4 8.85 23.43 24.23
CA THR A 4 9.82 24.00 23.30
C THR A 4 9.23 24.07 21.90
N ALA A 5 9.64 25.06 21.13
CA ALA A 5 9.16 25.21 19.78
C ALA A 5 9.95 24.34 18.81
N VAL A 6 10.18 24.85 17.60
CA VAL A 6 10.94 24.12 16.58
C VAL A 6 12.43 24.46 16.63
N SER A 2 -8.85 29.52 11.86
CA SER A 2 -8.23 30.69 12.47
C SER A 2 -7.06 30.30 13.38
N THR A 3 -6.43 31.31 13.99
CA THR A 3 -5.30 31.06 14.90
C THR A 3 -5.76 31.00 16.35
N THR A 4 -4.79 31.01 17.27
CA THR A 4 -5.07 30.94 18.70
C THR A 4 -4.95 32.31 19.34
N ALA A 5 -5.23 32.37 20.64
CA ALA A 5 -5.16 33.62 21.38
C ALA A 5 -4.87 33.35 22.86
N VAL A 6 -5.38 34.21 23.74
CA VAL A 6 -5.19 34.06 25.18
C VAL A 6 -6.32 33.25 25.80
N SER A 2 22.85 -10.34 31.25
CA SER A 2 22.02 -9.15 31.09
C SER A 2 20.90 -9.10 32.12
N THR A 3 20.33 -7.91 32.31
CA THR A 3 19.24 -7.73 33.26
C THR A 3 17.89 -7.82 32.55
N THR A 4 16.82 -7.48 33.29
CA THR A 4 15.48 -7.51 32.77
C THR A 4 15.01 -6.09 32.43
N ALA A 5 13.84 -5.99 31.82
CA ALA A 5 13.27 -4.70 31.48
C ALA A 5 11.75 -4.77 31.38
N VAL A 6 11.07 -4.12 32.31
CA VAL A 6 9.61 -4.10 32.33
C VAL A 6 9.08 -2.78 32.92
N SER A 2 13.81 2.25 -19.64
CA SER A 2 14.45 1.30 -20.54
C SER A 2 15.95 1.57 -20.65
N THR A 3 16.70 0.57 -21.11
CA THR A 3 18.15 0.69 -21.27
C THR A 3 18.52 1.10 -22.69
N THR A 4 19.77 0.85 -23.09
CA THR A 4 20.25 1.18 -24.42
C THR A 4 20.22 -0.05 -25.32
N ALA A 5 19.95 0.17 -26.60
CA ALA A 5 19.90 -0.93 -27.54
C ALA A 5 21.29 -1.25 -28.07
N VAL A 6 21.37 -1.62 -29.35
CA VAL A 6 22.64 -1.97 -29.98
C VAL A 6 22.65 -1.59 -31.46
N SER A 2 -4.05 -23.37 -2.15
CA SER A 2 -4.01 -22.29 -1.18
C SER A 2 -2.61 -22.14 -0.59
N THR A 3 -2.28 -20.92 -0.14
CA THR A 3 -0.98 -20.66 0.46
C THR A 3 -1.06 -20.72 1.99
N THR A 4 -0.04 -20.21 2.67
CA THR A 4 0.03 -20.22 4.12
C THR A 4 -0.34 -18.86 4.69
N ALA A 5 -0.44 -18.78 6.02
CA ALA A 5 -0.78 -17.52 6.67
C ALA A 5 -0.24 -17.48 8.10
N VAL A 6 0.71 -16.57 8.34
CA VAL A 6 1.30 -16.42 9.66
C VAL A 6 1.71 -14.97 9.93
N SER A 2 1.12 26.55 -5.66
CA SER A 2 2.31 27.06 -4.98
C SER A 2 3.58 26.47 -5.57
N THR A 3 4.72 26.68 -4.89
CA THR A 3 5.99 26.16 -5.35
C THR A 3 6.29 24.81 -4.66
N THR A 4 7.56 24.44 -4.57
CA THR A 4 7.96 23.18 -3.95
C THR A 4 8.45 23.40 -2.54
N ALA A 5 8.25 22.41 -1.68
CA ALA A 5 8.68 22.52 -0.31
C ALA A 5 10.16 22.12 -0.16
N VAL A 6 10.48 21.47 0.94
CA VAL A 6 11.85 21.04 1.21
C VAL A 6 11.89 19.74 2.03
N SER A 2 -4.22 -30.66 -6.95
CA SER A 2 -4.08 -29.90 -5.70
C SER A 2 -3.48 -30.77 -4.59
N THR A 3 -3.23 -30.14 -3.45
CA THR A 3 -2.66 -30.83 -2.28
C THR A 3 -3.76 -31.30 -1.31
N THR A 4 -3.38 -31.62 -0.08
CA THR A 4 -4.33 -32.07 0.94
C THR A 4 -4.67 -30.94 1.89
N ALA A 5 -5.87 -30.97 2.43
CA ALA A 5 -6.30 -29.95 3.36
C ALA A 5 -5.85 -30.27 4.79
N VAL A 6 -6.70 -29.98 5.77
CA VAL A 6 -6.39 -30.24 7.17
C VAL A 6 -6.87 -31.62 7.60
N SER A 2 6.18 14.66 30.34
CA SER A 2 4.83 15.09 30.69
C SER A 2 4.73 16.62 30.72
N THR A 3 3.52 17.13 31.01
CA THR A 3 3.31 18.57 31.07
C THR A 3 3.41 19.08 32.51
N THR A 4 3.03 20.34 32.72
CA THR A 4 3.07 20.97 34.02
C THR A 4 1.68 21.06 34.61
N ALA A 5 1.59 20.94 35.93
CA ALA A 5 0.31 21.04 36.61
C ALA A 5 0.48 21.50 38.05
N VAL A 6 0.00 22.71 38.34
CA VAL A 6 0.11 23.28 39.68
C VAL A 6 -1.08 24.20 40.00
N SER A 2 -2.30 27.28 6.86
CA SER A 2 -3.25 27.56 7.93
C SER A 2 -4.36 26.53 7.97
N THR A 3 -5.04 26.44 9.12
CA THR A 3 -6.15 25.52 9.28
C THR A 3 -7.48 26.23 9.02
N THR A 4 -8.59 25.64 9.45
CA THR A 4 -9.91 26.22 9.25
C THR A 4 -10.42 26.89 10.52
N ALA A 5 -11.55 27.58 10.40
CA ALA A 5 -12.16 28.25 11.54
C ALA A 5 -13.66 28.39 11.35
N VAL A 6 -14.43 27.77 12.24
CA VAL A 6 -15.89 27.83 12.18
C VAL A 6 -16.51 27.78 13.58
N SER A 2 -10.51 -33.43 12.40
CA SER A 2 -9.58 -32.92 13.39
C SER A 2 -9.05 -34.04 14.30
N THR A 3 -7.97 -33.73 15.01
CA THR A 3 -7.36 -34.70 15.92
C THR A 3 -7.83 -34.46 17.37
N THR A 4 -7.10 -34.99 18.34
CA THR A 4 -7.44 -34.84 19.76
C THR A 4 -6.57 -33.77 20.40
N ALA A 5 -7.07 -33.18 21.48
CA ALA A 5 -6.33 -32.14 22.18
C ALA A 5 -5.35 -32.77 23.18
N VAL A 6 -5.20 -32.12 24.34
CA VAL A 6 -4.29 -32.60 25.38
C VAL A 6 -4.81 -32.24 26.78
N SER A 2 -12.34 -33.24 -24.61
CA SER A 2 -11.57 -32.08 -24.16
C SER A 2 -12.18 -31.47 -22.90
N THR A 3 -11.35 -30.84 -22.09
CA THR A 3 -11.79 -30.19 -20.86
C THR A 3 -12.04 -28.70 -21.07
N THR A 4 -12.20 -27.98 -19.96
CA THR A 4 -12.45 -26.53 -20.00
C THR A 4 -11.20 -25.76 -19.63
N ALA A 5 -11.31 -24.42 -19.66
CA ALA A 5 -10.19 -23.55 -19.31
C ALA A 5 -10.69 -22.20 -18.82
N VAL A 6 -10.36 -21.87 -17.58
CA VAL A 6 -10.77 -20.60 -16.98
C VAL A 6 -9.72 -19.51 -17.19
N SER A 2 -13.26 -28.04 19.57
CA SER A 2 -12.08 -27.76 20.38
C SER A 2 -12.40 -26.74 21.46
N THR A 3 -11.79 -26.92 22.64
CA THR A 3 -12.01 -26.00 23.74
C THR A 3 -10.90 -24.94 23.79
N THR A 4 -10.77 -24.28 24.93
CA THR A 4 -9.80 -23.21 25.12
C THR A 4 -8.58 -23.70 25.89
N ALA A 5 -7.53 -22.89 25.88
CA ALA A 5 -6.31 -23.22 26.59
C ALA A 5 -5.52 -21.97 26.97
N VAL A 6 -5.40 -21.72 28.28
CA VAL A 6 -4.68 -20.56 28.77
C VAL A 6 -3.21 -20.89 29.03
N SER A 2 5.34 9.72 3.59
CA SER A 2 4.45 10.81 3.18
C SER A 2 4.94 12.16 3.68
N THR A 3 4.27 13.23 3.26
CA THR A 3 4.63 14.58 3.67
C THR A 3 3.79 15.06 4.84
N THR A 4 3.90 16.35 5.16
CA THR A 4 3.17 16.97 6.25
C THR A 4 2.00 17.78 5.73
N ALA A 5 1.21 18.33 6.65
CA ALA A 5 0.06 19.13 6.30
C ALA A 5 -0.27 20.11 7.42
N VAL A 6 -1.56 20.39 7.61
CA VAL A 6 -2.01 21.31 8.67
C VAL A 6 -2.32 20.55 9.96
N SER A 2 13.27 29.32 -23.63
CA SER A 2 13.40 30.35 -22.62
C SER A 2 12.07 30.59 -21.93
N THR A 3 12.11 31.11 -20.70
CA THR A 3 10.89 31.37 -19.94
C THR A 3 10.45 32.83 -20.09
N THR A 4 9.71 33.35 -19.11
CA THR A 4 9.21 34.71 -19.15
C THR A 4 10.06 35.64 -18.30
N ALA A 5 10.28 36.85 -18.78
CA ALA A 5 11.08 37.82 -18.07
C ALA A 5 10.25 38.60 -17.07
N VAL A 6 10.30 38.16 -15.83
CA VAL A 6 9.57 38.80 -14.73
C VAL A 6 10.30 38.66 -13.40
N SER A 2 5.16 2.49 -11.55
CA SER A 2 5.60 3.73 -10.93
C SER A 2 5.63 4.87 -11.94
N THR A 3 5.32 6.09 -11.47
CA THR A 3 5.30 7.27 -12.34
C THR A 3 6.63 8.02 -12.28
N THR A 4 6.63 9.21 -12.89
CA THR A 4 7.81 10.06 -12.92
C THR A 4 7.69 11.17 -11.88
N ALA A 5 8.73 12.00 -11.79
CA ALA A 5 8.74 13.11 -10.86
C ALA A 5 9.66 14.23 -11.35
N VAL A 6 9.07 15.37 -11.67
CA VAL A 6 9.84 16.53 -12.16
C VAL A 6 10.25 17.45 -11.01
N SER A 2 -5.53 37.74 -30.96
CA SER A 2 -4.83 38.44 -29.89
C SER A 2 -3.70 37.59 -29.32
N THR A 3 -2.89 38.22 -28.47
CA THR A 3 -1.76 37.57 -27.82
C THR A 3 -2.17 37.09 -26.41
N THR A 4 -1.20 36.98 -25.50
CA THR A 4 -1.48 36.52 -24.14
C THR A 4 -1.56 37.70 -23.19
N ALA A 5 -2.52 37.65 -22.28
CA ALA A 5 -2.70 38.71 -21.29
C ALA A 5 -1.82 38.50 -20.08
N VAL A 6 -0.70 39.18 -20.07
CA VAL A 6 0.26 39.11 -18.97
C VAL A 6 1.01 40.43 -18.79
N SER A 2 -26.41 -32.11 -16.02
CA SER A 2 -27.35 -33.22 -16.16
C SER A 2 -28.79 -32.72 -16.30
N THR A 3 -29.62 -33.52 -16.97
CA THR A 3 -31.02 -33.19 -17.18
C THR A 3 -31.91 -33.85 -16.14
N THR A 4 -33.22 -33.72 -16.32
CA THR A 4 -34.21 -34.31 -15.43
C THR A 4 -34.86 -35.52 -16.08
N ALA A 5 -35.36 -36.43 -15.25
CA ALA A 5 -36.00 -37.63 -15.76
C ALA A 5 -37.48 -37.35 -16.08
N VAL A 6 -38.33 -38.34 -15.82
CA VAL A 6 -39.76 -38.21 -16.07
C VAL A 6 -40.49 -37.68 -14.84
N SER A 2 19.18 -3.55 -37.57
CA SER A 2 18.74 -2.96 -36.32
C SER A 2 19.90 -2.79 -35.35
N THR A 3 19.73 -1.90 -34.37
CA THR A 3 20.76 -1.65 -33.37
C THR A 3 20.49 -2.50 -32.12
N THR A 4 21.05 -2.09 -30.98
CA THR A 4 20.88 -2.81 -29.72
C THR A 4 19.83 -2.14 -28.87
N ALA A 5 19.15 -2.91 -28.03
CA ALA A 5 18.13 -2.36 -27.16
C ALA A 5 18.74 -1.80 -25.88
N VAL A 6 18.04 -1.97 -24.77
CA VAL A 6 18.50 -1.47 -23.47
C VAL A 6 19.30 -2.54 -22.71
N SER A 2 4.62 -0.76 -1.86
CA SER A 2 3.49 -1.30 -2.62
C SER A 2 3.96 -1.83 -3.97
N THR A 3 3.13 -2.68 -4.57
CA THR A 3 3.44 -3.27 -5.88
C THR A 3 2.77 -2.45 -7.00
N THR A 4 2.53 -3.09 -8.16
CA THR A 4 1.91 -2.43 -9.29
C THR A 4 0.42 -2.76 -9.37
N ALA A 5 -0.37 -1.75 -9.72
CA ALA A 5 -1.80 -1.94 -9.83
C ALA A 5 -2.18 -2.49 -11.19
N VAL A 6 -2.40 -3.78 -11.23
CA VAL A 6 -2.76 -4.48 -12.46
C VAL A 6 -4.28 -4.55 -12.63
N SER A 2 -5.35 -24.35 43.14
CA SER A 2 -4.04 -23.80 43.44
C SER A 2 -3.69 -22.63 42.53
N THR A 3 -2.47 -22.12 42.66
CA THR A 3 -1.99 -21.00 41.85
C THR A 3 -1.23 -21.51 40.63
N THR A 4 -0.42 -20.64 40.02
CA THR A 4 0.37 -21.00 38.85
C THR A 4 1.81 -21.29 39.24
N ALA A 5 2.58 -21.78 38.27
CA ALA A 5 3.99 -22.09 38.50
C ALA A 5 4.78 -22.01 37.20
N VAL A 6 5.65 -21.02 37.10
CA VAL A 6 6.48 -20.83 35.91
C VAL A 6 7.83 -21.54 36.03
N SER A 2 7.38 -17.99 12.41
CA SER A 2 7.12 -16.75 13.16
C SER A 2 7.66 -16.85 14.57
N THR A 3 7.55 -15.76 15.33
CA THR A 3 8.03 -15.72 16.71
C THR A 3 6.88 -16.05 17.68
N THR A 4 7.02 -15.62 18.93
CA THR A 4 6.01 -15.88 19.96
C THR A 4 5.11 -14.67 20.15
N ALA A 5 3.84 -14.91 20.40
CA ALA A 5 2.91 -13.83 20.62
C ALA A 5 2.92 -13.38 22.08
N VAL A 6 1.76 -13.05 22.62
CA VAL A 6 1.64 -12.62 24.01
C VAL A 6 1.37 -13.79 24.95
N SER A 2 0.70 42.76 4.40
CA SER A 2 1.26 43.95 5.04
C SER A 2 2.59 43.64 5.72
N THR A 3 3.29 44.70 6.11
CA THR A 3 4.57 44.58 6.78
C THR A 3 4.40 44.70 8.30
N THR A 4 5.50 44.98 9.00
CA THR A 4 5.52 45.12 10.44
C THR A 4 5.55 46.58 10.85
N ALA A 5 5.40 46.84 12.14
CA ALA A 5 5.42 48.19 12.66
C ALA A 5 5.86 48.19 14.13
N VAL A 6 5.33 49.13 14.91
CA VAL A 6 5.67 49.24 16.33
C VAL A 6 4.69 48.44 17.19
N SER A 2 -9.80 33.52 -36.51
CA SER A 2 -8.83 32.53 -36.95
C SER A 2 -8.06 31.94 -35.77
N THR A 3 -7.36 30.84 -36.04
CA THR A 3 -6.56 30.17 -35.01
C THR A 3 -5.09 30.63 -35.10
N THR A 4 -4.18 29.81 -34.56
CA THR A 4 -2.76 30.13 -34.56
C THR A 4 -2.05 29.38 -35.68
N ALA A 5 -1.05 30.02 -36.28
CA ALA A 5 -0.30 29.39 -37.34
C ALA A 5 0.82 28.51 -36.77
N VAL A 6 1.96 28.48 -37.45
CA VAL A 6 3.10 27.68 -37.01
C VAL A 6 4.43 28.33 -37.41
N SER A 2 1.38 8.17 -16.34
CA SER A 2 1.35 9.45 -15.62
C SER A 2 1.90 10.58 -16.50
N THR A 3 2.23 11.72 -15.88
CA THR A 3 2.74 12.87 -16.62
C THR A 3 4.28 12.87 -16.64
N THR A 4 4.86 13.99 -17.06
CA THR A 4 6.31 14.15 -17.15
C THR A 4 6.84 14.94 -15.97
N ALA A 5 8.07 14.67 -15.57
CA ALA A 5 8.67 15.38 -14.46
C ALA A 5 9.30 16.69 -14.94
N VAL A 6 10.43 17.05 -14.33
CA VAL A 6 11.15 18.27 -14.68
C VAL A 6 12.65 18.12 -14.51
N SER A 2 -47.31 -25.35 4.98
CA SER A 2 -46.85 -26.71 5.26
C SER A 2 -45.86 -27.20 4.18
N THR A 3 -45.51 -28.48 4.25
CA THR A 3 -44.56 -29.07 3.30
C THR A 3 -45.27 -29.76 2.13
N THR A 4 -44.47 -30.42 1.30
CA THR A 4 -44.95 -31.14 0.13
C THR A 4 -45.01 -32.64 0.38
N ALA A 5 -45.41 -33.40 -0.63
CA ALA A 5 -45.49 -34.85 -0.53
C ALA A 5 -45.37 -35.50 -1.91
N VAL A 6 -44.29 -36.23 -2.11
CA VAL A 6 -44.05 -36.92 -3.38
C VAL A 6 -44.61 -38.34 -3.37
N SER A 2 -3.04 -53.83 -3.10
CA SER A 2 -2.90 -54.77 -4.21
C SER A 2 -4.21 -54.91 -4.99
N THR A 3 -4.10 -55.09 -6.30
CA THR A 3 -5.28 -55.25 -7.15
C THR A 3 -5.53 -56.73 -7.46
N THR A 4 -6.46 -56.97 -8.39
CA THR A 4 -6.82 -58.31 -8.82
C THR A 4 -6.21 -58.60 -10.19
N ALA A 5 -6.12 -59.88 -10.53
CA ALA A 5 -5.57 -60.27 -11.80
C ALA A 5 -6.63 -60.23 -12.91
N VAL A 6 -6.59 -61.19 -13.82
CA VAL A 6 -7.53 -61.27 -14.92
C VAL A 6 -8.74 -62.13 -14.55
N SER A 2 32.97 -26.82 15.79
CA SER A 2 31.90 -27.53 15.09
C SER A 2 32.45 -28.55 14.11
N THR A 3 31.57 -29.40 13.59
CA THR A 3 31.96 -30.43 12.63
C THR A 3 31.77 -29.98 11.19
N THR A 4 31.95 -30.91 10.27
CA THR A 4 31.81 -30.67 8.85
C THR A 4 30.49 -31.24 8.34
N ALA A 5 30.21 -31.02 7.06
CA ALA A 5 28.98 -31.52 6.45
C ALA A 5 29.15 -31.71 4.94
N VAL A 6 28.98 -32.95 4.48
CA VAL A 6 29.11 -33.26 3.06
C VAL A 6 27.76 -33.16 2.35
N SER A 2 0.68 22.07 -4.48
CA SER A 2 -0.21 23.10 -3.96
C SER A 2 0.58 24.31 -3.45
N THR A 3 0.01 25.50 -3.65
CA THR A 3 0.65 26.73 -3.20
C THR A 3 0.10 27.16 -1.83
N THR A 4 0.41 28.39 -1.44
CA THR A 4 -0.04 28.95 -0.17
C THR A 4 -1.24 29.85 -0.39
N ALA A 5 -2.17 29.84 0.56
CA ALA A 5 -3.35 30.66 0.45
C ALA A 5 -3.08 32.08 0.98
N VAL A 6 -4.07 32.68 1.64
CA VAL A 6 -3.93 34.03 2.18
C VAL A 6 -3.43 34.00 3.62
N SER A 2 -10.55 -50.22 20.92
CA SER A 2 -10.80 -50.74 19.58
C SER A 2 -10.93 -49.61 18.56
N THR A 3 -11.03 -49.99 17.28
CA THR A 3 -11.15 -49.02 16.19
C THR A 3 -12.61 -48.78 15.81
N THR A 4 -12.83 -48.21 14.62
CA THR A 4 -14.16 -47.93 14.12
C THR A 4 -14.59 -49.00 13.13
N ALA A 5 -15.90 -49.19 12.97
CA ALA A 5 -16.40 -50.18 12.05
C ALA A 5 -16.49 -49.61 10.64
N VAL A 6 -17.52 -50.00 9.90
CA VAL A 6 -17.72 -49.54 8.53
C VAL A 6 -19.20 -49.46 8.18
N SER A 2 -7.41 20.64 -6.81
CA SER A 2 -6.45 20.16 -7.81
C SER A 2 -5.02 20.50 -7.38
N THR A 3 -4.09 19.65 -7.77
CA THR A 3 -2.68 19.88 -7.45
C THR A 3 -1.95 20.56 -8.63
N THR A 4 -0.62 20.49 -8.62
CA THR A 4 0.19 21.10 -9.66
C THR A 4 0.70 20.08 -10.65
N ALA A 5 1.25 20.57 -11.76
CA ALA A 5 1.81 19.70 -12.79
C ALA A 5 2.90 20.41 -13.59
N VAL A 6 4.12 19.88 -13.54
CA VAL A 6 5.25 20.46 -14.26
C VAL A 6 6.23 19.39 -14.70
N SER A 2 24.00 -13.41 -7.58
CA SER A 2 22.99 -14.42 -7.92
C SER A 2 22.12 -13.97 -9.10
N THR A 3 21.01 -14.68 -9.31
CA THR A 3 20.10 -14.33 -10.40
C THR A 3 18.96 -13.43 -9.90
N THR A 4 17.89 -13.31 -10.69
CA THR A 4 16.74 -12.49 -10.37
C THR A 4 15.62 -13.34 -9.80
N ALA A 5 14.87 -12.77 -8.85
CA ALA A 5 13.77 -13.49 -8.24
C ALA A 5 12.50 -13.34 -9.09
N VAL A 6 11.35 -13.22 -8.43
CA VAL A 6 10.07 -13.09 -9.12
C VAL A 6 9.71 -11.61 -9.34
N SER A 2 7.63 9.90 4.00
CA SER A 2 8.58 9.58 5.07
C SER A 2 9.03 10.83 5.81
N THR A 3 9.83 10.65 6.85
CA THR A 3 10.35 11.76 7.66
C THR A 3 11.73 12.18 7.19
N THR A 4 12.41 13.01 7.98
CA THR A 4 13.73 13.50 7.66
C THR A 4 14.81 12.76 8.45
N ALA A 5 16.06 13.05 8.15
CA ALA A 5 17.19 12.44 8.82
C ALA A 5 18.41 13.35 8.76
N VAL A 6 19.60 12.76 8.68
CA VAL A 6 20.84 13.52 8.61
C VAL A 6 21.24 13.82 7.16
N SER A 2 -20.57 11.21 -33.23
CA SER A 2 -20.17 12.56 -33.64
C SER A 2 -18.68 12.78 -33.44
N THR A 3 -18.20 13.93 -33.92
CA THR A 3 -16.79 14.29 -33.80
C THR A 3 -16.55 15.20 -32.60
N THR A 4 -15.44 15.95 -32.62
CA THR A 4 -15.06 16.84 -31.54
C THR A 4 -15.41 18.28 -31.85
N ALA A 5 -15.94 18.97 -30.86
CA ALA A 5 -16.32 20.36 -31.01
C ALA A 5 -15.16 21.30 -30.71
N VAL A 6 -14.48 21.72 -31.76
CA VAL A 6 -13.34 22.62 -31.64
C VAL A 6 -13.78 24.08 -31.79
N SER A 2 38.07 -5.86 -25.70
CA SER A 2 38.05 -7.31 -25.89
C SER A 2 36.76 -7.93 -25.39
N THR A 3 36.53 -9.19 -25.75
CA THR A 3 35.33 -9.91 -25.33
C THR A 3 35.59 -10.75 -24.07
N THR A 4 34.65 -11.64 -23.76
CA THR A 4 34.76 -12.50 -22.60
C THR A 4 35.20 -13.89 -23.02
N ALA A 5 35.94 -14.57 -22.16
CA ALA A 5 36.42 -15.90 -22.46
C ALA A 5 35.36 -16.96 -22.09
N VAL A 6 35.81 -18.11 -21.61
CA VAL A 6 34.91 -19.18 -21.22
C VAL A 6 34.53 -19.08 -19.75
N SER A 2 11.58 23.57 -7.42
CA SER A 2 12.63 24.11 -8.29
C SER A 2 13.23 25.37 -7.70
N THR A 3 14.51 25.59 -8.01
CA THR A 3 15.23 26.76 -7.53
C THR A 3 15.25 27.86 -8.62
N THR A 4 16.24 28.76 -8.54
CA THR A 4 16.37 29.85 -9.49
C THR A 4 17.42 29.52 -10.54
N ALA A 5 17.16 29.94 -11.78
CA ALA A 5 18.09 29.68 -12.86
C ALA A 5 19.18 30.75 -12.91
N VAL A 6 20.32 30.40 -12.38
CA VAL A 6 21.48 31.30 -12.34
C VAL A 6 22.36 31.12 -13.57
N SER A 2 -5.90 12.12 12.57
CA SER A 2 -5.93 12.86 11.31
C SER A 2 -4.60 13.55 11.05
N THR A 3 -4.28 13.69 9.77
CA THR A 3 -3.06 14.35 9.34
C THR A 3 -3.33 15.81 8.95
N THR A 4 -2.46 16.38 8.12
CA THR A 4 -2.61 17.76 7.67
C THR A 4 -3.22 17.80 6.28
N ALA A 5 -4.01 18.84 6.02
CA ALA A 5 -4.63 19.00 4.73
C ALA A 5 -3.69 19.69 3.75
N VAL A 6 -4.25 20.54 2.90
CA VAL A 6 -3.45 21.28 1.91
C VAL A 6 -2.98 22.64 2.46
N SER A 2 9.48 -20.98 11.56
CA SER A 2 10.42 -21.69 10.70
C SER A 2 9.72 -22.28 9.49
N THR A 3 10.45 -22.37 8.37
CA THR A 3 9.90 -22.90 7.14
C THR A 3 10.25 -24.38 6.95
N THR A 4 9.95 -24.90 5.76
CA THR A 4 10.21 -26.29 5.41
C THR A 4 11.42 -26.41 4.47
N ALA A 5 11.75 -27.63 4.09
CA ALA A 5 12.86 -27.90 3.20
C ALA A 5 12.65 -29.21 2.44
N VAL A 6 13.74 -29.92 2.16
CA VAL A 6 13.67 -31.20 1.44
C VAL A 6 14.77 -32.15 1.91
N SER A 2 -20.66 12.59 5.48
CA SER A 2 -21.53 13.70 5.12
C SER A 2 -21.25 14.19 3.69
N THR A 3 -22.02 15.19 3.28
CA THR A 3 -21.88 15.77 1.94
C THR A 3 -21.02 17.04 1.98
N THR A 4 -21.13 17.85 0.91
CA THR A 4 -20.38 19.08 0.78
C THR A 4 -21.26 20.29 1.11
N ALA A 5 -20.67 21.27 1.76
CA ALA A 5 -21.40 22.47 2.13
C ALA A 5 -21.39 23.50 1.01
N VAL A 6 -22.44 23.48 0.22
CA VAL A 6 -22.61 24.39 -0.91
C VAL A 6 -24.07 24.71 -1.16
#